data_2WOQ
#
_entry.id   2WOQ
#
_cell.length_a   84.444
_cell.length_b   84.444
_cell.length_c   158.528
_cell.angle_alpha   90.00
_cell.angle_beta   90.00
_cell.angle_gamma   90.00
#
_symmetry.space_group_name_H-M   'I 4 2 2'
#
loop_
_entity.id
_entity.type
_entity.pdbx_description
1 polymer 'DELTA-AMINOLEVULINIC ACID DEHYDRATASE'
2 non-polymer 'ALAREMYCIN 2'
3 non-polymer 'MAGNESIUM ION'
4 non-polymer '4-(2-HYDROXYETHYL)-1-PIPERAZINE ETHANESULFONIC ACID'
5 non-polymer 3,6,9,12,15,18,21,24-OCTAOXAHEXACOSAN-1-OL
6 water water
#
_entity_poly.entity_id   1
_entity_poly.type   'polypeptide(L)'
_entity_poly.pdbx_seq_one_letter_code
;MSFTPANRAYPYTRLRRNRRDDFSRRLVRENVLTVDDLILPVFVLDGVNQRESIPSMPGVERLSIDQLLIEAEEWVALGI
PALALFPVTPVEKKSLDAAEAYNPEGIAQRATRALRERFPELGIITDVALDPFTTHGQDGILDDDGYVLNDVSIDVLVRQ
ALSHAEAGAQVVAPSDMMDGRIGAIREALESAGHTNVRIMAYSAKYASAYYGPFRDAVGSASNLGKGNKATYQMDPANSD
EALHEVAADLAEGADMVMVKPGMPYLDIVRRVKDEFRAPTFVYQVSGEYAMHMGAIQNGWLAESVILESLTAFKRAGADG
ILTYFAKQAAEQLRRGR
;
_entity_poly.pdbx_strand_id   A
#
# COMPACT_ATOMS: atom_id res chain seq x y z
C PRO A 5 12.61 20.48 -30.38
N ALA A 6 13.90 20.52 -30.74
CA ALA A 6 14.33 20.27 -32.14
C ALA A 6 13.75 21.31 -33.14
N ASN A 7 13.63 22.58 -32.70
CA ASN A 7 13.08 23.69 -33.54
C ASN A 7 11.72 23.37 -34.20
N ARG A 8 10.86 22.63 -33.50
CA ARG A 8 9.52 22.33 -34.05
C ARG A 8 8.66 23.58 -33.99
N ALA A 9 8.06 23.93 -35.12
CA ALA A 9 7.25 25.16 -35.21
C ALA A 9 5.97 25.00 -36.00
N TYR A 10 4.91 25.62 -35.46
CA TYR A 10 3.62 25.72 -36.19
C TYR A 10 3.87 26.61 -37.43
N PRO A 11 3.28 26.25 -38.59
CA PRO A 11 2.37 25.12 -38.86
C PRO A 11 3.03 23.85 -39.38
N TYR A 12 4.36 23.83 -39.48
CA TYR A 12 5.06 22.59 -39.91
C TYR A 12 4.77 21.50 -38.89
N THR A 13 4.85 21.87 -37.60
CA THR A 13 4.43 21.00 -36.53
C THR A 13 3.05 21.43 -36.05
N ARG A 14 2.09 20.50 -36.16
CA ARG A 14 0.73 20.64 -35.56
C ARG A 14 0.54 19.42 -34.67
N LEU A 15 0.59 19.64 -33.35
CA LEU A 15 0.48 18.51 -32.42
C LEU A 15 -0.89 17.84 -32.45
N ARG A 16 -1.89 18.52 -33.05
CA ARG A 16 -3.20 17.86 -33.26
C ARG A 16 -3.22 16.73 -34.29
N ARG A 17 -2.24 16.64 -35.20
CA ARG A 17 -2.36 15.61 -36.27
C ARG A 17 -2.42 14.21 -35.64
N ASN A 18 -1.48 13.91 -34.73
CA ASN A 18 -1.50 12.60 -34.07
C ASN A 18 -2.77 12.34 -33.24
N ARG A 19 -3.40 13.43 -32.79
CA ARG A 19 -4.64 13.34 -32.04
C ARG A 19 -5.90 13.17 -32.94
N ARG A 20 -5.73 13.29 -34.26
CA ARG A 20 -6.91 13.34 -35.19
C ARG A 20 -7.80 12.11 -35.14
N ASP A 21 -7.15 10.94 -35.06
CA ASP A 21 -7.84 9.67 -35.16
C ASP A 21 -7.44 8.77 -34.03
N ASP A 22 -8.36 7.88 -33.66
CA ASP A 22 -8.09 6.89 -32.61
C ASP A 22 -6.84 6.07 -32.93
N PHE A 23 -6.67 5.67 -34.20
CA PHE A 23 -5.54 4.76 -34.51
C PHE A 23 -4.18 5.47 -34.20
N SER A 24 -4.08 6.75 -34.54
CA SER A 24 -2.80 7.46 -34.33
C SER A 24 -2.61 7.78 -32.88
N ARG A 25 -3.71 8.04 -32.16
CA ARG A 25 -3.60 8.24 -30.66
C ARG A 25 -3.02 6.97 -30.02
N ARG A 26 -3.51 5.80 -30.49
CA ARG A 26 -3.08 4.52 -29.96
C ARG A 26 -1.57 4.31 -30.30
N LEU A 27 -1.20 4.63 -31.53
CA LEU A 27 0.21 4.49 -31.98
C LEU A 27 1.20 5.33 -31.15
N VAL A 28 0.79 6.55 -30.77
CA VAL A 28 1.72 7.43 -30.04
C VAL A 28 1.54 7.43 -28.52
N ARG A 29 0.50 6.75 -28.01
CA ARG A 29 0.25 6.67 -26.58
C ARG A 29 1.49 6.18 -25.81
N GLU A 30 1.90 6.94 -24.81
CA GLU A 30 3.19 6.70 -24.12
C GLU A 30 3.14 5.64 -23.05
N ASN A 31 1.96 5.42 -22.47
CA ASN A 31 1.82 4.52 -21.34
C ASN A 31 0.53 3.74 -21.42
N VAL A 32 0.56 2.51 -20.93
CA VAL A 32 -0.70 1.73 -20.93
C VAL A 32 -0.82 1.12 -19.55
N LEU A 33 -2.02 1.14 -19.03
CA LEU A 33 -2.31 0.56 -17.73
C LEU A 33 -2.79 -0.86 -17.99
N THR A 34 -2.37 -1.82 -17.16
CA THR A 34 -2.86 -3.19 -17.30
C THR A 34 -3.12 -3.75 -15.91
N VAL A 35 -3.78 -4.92 -15.87
CA VAL A 35 -4.10 -5.55 -14.57
CA VAL A 35 -4.08 -5.57 -14.57
C VAL A 35 -2.82 -5.89 -13.79
N ASP A 36 -1.70 -6.10 -14.51
CA ASP A 36 -0.35 -6.35 -13.90
C ASP A 36 0.10 -5.21 -12.96
N ASP A 37 -0.50 -4.02 -13.09
CA ASP A 37 -0.14 -2.85 -12.31
C ASP A 37 -0.93 -2.67 -11.03
N LEU A 38 -1.82 -3.62 -10.74
CA LEU A 38 -2.78 -3.43 -9.67
C LEU A 38 -2.54 -4.32 -8.45
N ILE A 39 -2.56 -3.70 -7.26
CA ILE A 39 -2.47 -4.43 -5.99
C ILE A 39 -3.72 -4.03 -5.18
N LEU A 40 -4.47 -5.03 -4.68
CA LEU A 40 -5.70 -4.71 -3.94
C LEU A 40 -5.49 -4.76 -2.44
N PRO A 41 -5.64 -3.62 -1.74
CA PRO A 41 -5.57 -3.66 -0.25
C PRO A 41 -6.87 -4.23 0.28
N VAL A 42 -6.79 -5.06 1.35
CA VAL A 42 -7.98 -5.67 1.90
CA VAL A 42 -7.98 -5.71 1.89
C VAL A 42 -7.94 -5.62 3.43
N PHE A 43 -9.11 -5.33 4.02
CA PHE A 43 -9.24 -5.24 5.47
C PHE A 43 -9.77 -6.53 5.99
N VAL A 44 -9.02 -7.11 6.94
CA VAL A 44 -9.31 -8.50 7.42
C VAL A 44 -9.74 -8.54 8.88
N LEU A 45 -10.91 -9.14 9.11
CA LEU A 45 -11.49 -9.28 10.43
C LEU A 45 -11.14 -10.62 11.04
N ASP A 46 -11.29 -10.69 12.36
CA ASP A 46 -11.13 -11.95 13.07
CA ASP A 46 -11.14 -11.93 13.10
C ASP A 46 -12.48 -12.68 12.97
N GLY A 47 -12.55 -13.89 13.51
CA GLY A 47 -13.85 -14.64 13.50
C GLY A 47 -14.17 -15.28 12.17
N VAL A 48 -15.45 -15.63 11.98
CA VAL A 48 -15.90 -16.33 10.78
C VAL A 48 -17.24 -15.75 10.33
N ASN A 49 -17.51 -15.80 9.03
CA ASN A 49 -18.77 -15.31 8.47
C ASN A 49 -19.08 -13.86 8.83
N GLN A 50 -18.08 -12.99 8.66
CA GLN A 50 -18.21 -11.56 9.01
C GLN A 50 -17.88 -10.71 7.79
N ARG A 51 -18.78 -9.80 7.47
CA ARG A 51 -18.59 -8.79 6.44
CA ARG A 51 -18.58 -8.79 6.43
C ARG A 51 -19.11 -7.48 6.98
N GLU A 52 -18.30 -6.42 6.90
CA GLU A 52 -18.74 -5.13 7.47
C GLU A 52 -18.46 -4.01 6.50
N SER A 53 -19.49 -3.21 6.20
CA SER A 53 -19.29 -2.03 5.32
C SER A 53 -18.57 -0.93 6.07
N ILE A 54 -17.77 -0.17 5.34
CA ILE A 54 -16.98 0.96 5.91
C ILE A 54 -17.68 2.23 5.36
N PRO A 55 -18.34 3.00 6.25
CA PRO A 55 -19.14 4.16 5.79
C PRO A 55 -18.33 5.18 4.97
N SER A 56 -17.09 5.44 5.38
CA SER A 56 -16.24 6.44 4.68
C SER A 56 -15.50 5.87 3.47
N MET A 57 -15.72 4.59 3.15
CA MET A 57 -15.15 3.96 1.94
C MET A 57 -16.27 3.18 1.22
N PRO A 58 -17.23 3.91 0.58
CA PRO A 58 -18.38 3.24 -0.04
C PRO A 58 -17.97 2.12 -0.96
N GLY A 59 -18.55 0.93 -0.74
CA GLY A 59 -18.22 -0.22 -1.57
C GLY A 59 -17.13 -1.13 -1.01
N VAL A 60 -16.40 -0.68 0.00
CA VAL A 60 -15.32 -1.48 0.58
C VAL A 60 -15.84 -2.18 1.84
N GLU A 61 -15.54 -3.48 1.95
CA GLU A 61 -15.96 -4.26 3.10
C GLU A 61 -14.77 -4.84 3.86
N ARG A 62 -14.90 -4.91 5.19
CA ARG A 62 -13.95 -5.64 6.03
C ARG A 62 -14.46 -7.10 6.00
N LEU A 63 -13.54 -8.06 5.81
CA LEU A 63 -13.93 -9.47 5.64
C LEU A 63 -13.20 -10.39 6.61
N SER A 64 -13.93 -11.34 7.21
CA SER A 64 -13.26 -12.41 7.93
C SER A 64 -12.50 -13.29 6.92
N ILE A 65 -11.57 -14.12 7.43
CA ILE A 65 -10.67 -14.91 6.54
C ILE A 65 -11.39 -15.85 5.59
N ASP A 66 -12.45 -16.49 6.08
CA ASP A 66 -13.26 -17.35 5.21
C ASP A 66 -13.83 -16.55 4.03
N GLN A 67 -14.34 -15.34 4.31
CA GLN A 67 -14.92 -14.49 3.28
C GLN A 67 -13.84 -13.99 2.31
N LEU A 68 -12.67 -13.65 2.87
CA LEU A 68 -11.53 -13.23 2.08
C LEU A 68 -11.14 -14.32 1.05
N LEU A 69 -11.07 -15.57 1.51
CA LEU A 69 -10.72 -16.71 0.66
C LEU A 69 -11.69 -16.86 -0.51
N ILE A 70 -12.97 -16.61 -0.20
CA ILE A 70 -14.04 -16.69 -1.20
C ILE A 70 -13.93 -15.55 -2.23
N GLU A 71 -13.83 -14.31 -1.76
CA GLU A 71 -13.64 -13.15 -2.63
C GLU A 71 -12.38 -13.21 -3.45
N ALA A 72 -11.29 -13.74 -2.87
CA ALA A 72 -9.99 -13.82 -3.57
C ALA A 72 -10.02 -14.61 -4.88
N GLU A 73 -10.93 -15.58 -4.98
CA GLU A 73 -11.06 -16.39 -6.20
CA GLU A 73 -11.04 -16.39 -6.21
CA GLU A 73 -11.14 -16.40 -6.20
C GLU A 73 -11.43 -15.52 -7.41
N GLU A 74 -12.30 -14.52 -7.19
CA GLU A 74 -12.68 -13.58 -8.24
C GLU A 74 -11.51 -12.65 -8.57
N TRP A 75 -10.76 -12.24 -7.54
CA TRP A 75 -9.61 -11.31 -7.78
C TRP A 75 -8.52 -12.02 -8.59
N VAL A 76 -8.25 -13.28 -8.25
CA VAL A 76 -7.29 -14.12 -8.99
C VAL A 76 -7.76 -14.29 -10.44
N ALA A 77 -9.06 -14.58 -10.62
CA ALA A 77 -9.67 -14.76 -11.96
C ALA A 77 -9.51 -13.50 -12.82
N LEU A 78 -9.66 -12.33 -12.20
CA LEU A 78 -9.47 -11.04 -12.89
C LEU A 78 -8.00 -10.79 -13.24
N GLY A 79 -7.10 -11.54 -12.63
CA GLY A 79 -5.64 -11.44 -12.89
C GLY A 79 -4.91 -10.42 -12.00
N ILE A 80 -5.54 -9.98 -10.89
CA ILE A 80 -4.87 -9.06 -9.94
C ILE A 80 -3.67 -9.84 -9.36
N PRO A 81 -2.45 -9.28 -9.48
CA PRO A 81 -1.28 -10.07 -9.08
C PRO A 81 -1.04 -10.24 -7.57
N ALA A 82 -1.52 -9.29 -6.76
CA ALA A 82 -1.26 -9.35 -5.31
C ALA A 82 -2.30 -8.64 -4.51
N LEU A 83 -2.40 -9.06 -3.24
CA LEU A 83 -3.19 -8.39 -2.21
C LEU A 83 -2.26 -7.80 -1.17
N ALA A 84 -2.67 -6.67 -0.59
CA ALA A 84 -1.98 -6.09 0.56
C ALA A 84 -2.92 -6.23 1.74
N LEU A 85 -2.53 -7.07 2.71
CA LEU A 85 -3.41 -7.36 3.85
C LEU A 85 -3.29 -6.36 4.99
N PHE A 86 -4.46 -5.96 5.49
CA PHE A 86 -4.53 -5.03 6.65
C PHE A 86 -5.51 -5.61 7.69
N PRO A 87 -4.97 -6.20 8.77
CA PRO A 87 -5.82 -6.77 9.82
C PRO A 87 -6.53 -5.68 10.63
N VAL A 88 -7.73 -6.00 11.05
CA VAL A 88 -8.55 -5.11 11.90
C VAL A 88 -8.48 -5.75 13.28
N THR A 89 -7.49 -5.32 14.05
CA THR A 89 -7.21 -5.98 15.34
C THR A 89 -8.29 -5.73 16.36
N PRO A 90 -8.78 -6.82 17.03
CA PRO A 90 -9.71 -6.65 18.12
C PRO A 90 -9.09 -5.78 19.24
N VAL A 91 -9.89 -4.91 19.84
CA VAL A 91 -9.36 -4.00 20.93
C VAL A 91 -8.67 -4.78 22.06
N GLU A 92 -9.20 -5.97 22.38
CA GLU A 92 -8.64 -6.80 23.47
C GLU A 92 -7.25 -7.37 23.17
N LYS A 93 -6.84 -7.30 21.89
CA LYS A 93 -5.51 -7.81 21.49
C LYS A 93 -4.46 -6.70 21.43
N LYS A 94 -4.87 -5.47 21.74
CA LYS A 94 -3.93 -4.34 21.68
C LYS A 94 -3.15 -4.23 22.95
N SER A 95 -1.93 -3.71 22.87
CA SER A 95 -1.06 -3.60 24.05
C SER A 95 -0.03 -2.49 23.87
N LEU A 96 0.63 -2.13 24.96
CA LEU A 96 1.72 -1.12 24.85
C LEU A 96 2.95 -1.62 24.11
N ASP A 97 3.20 -2.93 24.20
CA ASP A 97 4.36 -3.53 23.52
C ASP A 97 4.06 -4.08 22.12
N ALA A 98 2.83 -3.87 21.63
CA ALA A 98 2.41 -4.31 20.29
C ALA A 98 2.66 -5.79 19.98
N ALA A 99 2.60 -6.61 21.02
CA ALA A 99 2.95 -8.03 20.92
C ALA A 99 2.13 -8.77 19.86
N GLU A 100 0.85 -8.40 19.69
CA GLU A 100 0.00 -9.08 18.67
C GLU A 100 0.62 -8.99 17.23
N ALA A 101 1.45 -7.99 16.99
CA ALA A 101 2.13 -7.83 15.66
C ALA A 101 2.86 -9.09 15.24
N TYR A 102 3.42 -9.82 16.20
CA TYR A 102 4.21 -11.03 15.86
C TYR A 102 3.58 -12.33 16.35
N ASN A 103 2.30 -12.26 16.70
CA ASN A 103 1.57 -13.48 17.14
C ASN A 103 1.46 -14.43 15.93
N PRO A 104 2.00 -15.65 16.05
CA PRO A 104 1.87 -16.62 14.94
C PRO A 104 0.38 -16.92 14.59
N GLU A 105 -0.53 -16.63 15.54
CA GLU A 105 -1.96 -16.84 15.33
C GLU A 105 -2.73 -15.51 15.21
N GLY A 106 -2.02 -14.45 14.86
CA GLY A 106 -2.64 -13.15 14.61
C GLY A 106 -3.43 -13.24 13.31
N ILE A 107 -4.35 -12.27 13.10
CA ILE A 107 -5.14 -12.26 11.85
C ILE A 107 -4.26 -12.29 10.60
N ALA A 108 -3.24 -11.42 10.54
CA ALA A 108 -2.39 -11.32 9.33
C ALA A 108 -1.68 -12.65 9.03
N GLN A 109 -1.15 -13.28 10.07
CA GLN A 109 -0.44 -14.54 9.91
C GLN A 109 -1.40 -15.67 9.45
N ARG A 110 -2.57 -15.76 10.09
CA ARG A 110 -3.58 -16.76 9.74
CA ARG A 110 -3.55 -16.78 9.72
C ARG A 110 -4.04 -16.55 8.29
N ALA A 111 -4.35 -15.30 7.95
CA ALA A 111 -4.84 -14.98 6.59
C ALA A 111 -3.77 -15.33 5.55
N THR A 112 -2.49 -15.01 5.85
CA THR A 112 -1.37 -15.34 4.93
C THR A 112 -1.29 -16.84 4.72
N ARG A 113 -1.24 -17.63 5.81
CA ARG A 113 -1.15 -19.08 5.66
CA ARG A 113 -1.16 -19.09 5.66
C ARG A 113 -2.28 -19.64 4.79
N ALA A 114 -3.50 -19.14 5.02
CA ALA A 114 -4.71 -19.64 4.30
C ALA A 114 -4.62 -19.31 2.81
N LEU A 115 -4.29 -18.07 2.50
CA LEU A 115 -4.20 -17.63 1.11
C LEU A 115 -3.03 -18.31 0.36
N ARG A 116 -1.88 -18.46 1.02
CA ARG A 116 -0.71 -19.12 0.34
C ARG A 116 -1.03 -20.56 -0.06
N GLU A 117 -1.76 -21.26 0.81
CA GLU A 117 -2.19 -22.62 0.52
C GLU A 117 -3.24 -22.68 -0.62
N ARG A 118 -4.27 -21.79 -0.52
CA ARG A 118 -5.40 -21.82 -1.46
CA ARG A 118 -5.40 -21.80 -1.45
C ARG A 118 -5.04 -21.29 -2.86
N PHE A 119 -4.23 -20.23 -2.91
CA PHE A 119 -3.86 -19.61 -4.20
C PHE A 119 -2.36 -19.39 -4.26
N PRO A 120 -1.58 -20.46 -4.55
CA PRO A 120 -0.09 -20.38 -4.47
C PRO A 120 0.54 -19.31 -5.32
N GLU A 121 -0.10 -18.92 -6.43
CA GLU A 121 0.47 -17.89 -7.33
C GLU A 121 0.10 -16.47 -6.95
N LEU A 122 -0.83 -16.29 -6.03
CA LEU A 122 -1.25 -14.94 -5.62
C LEU A 122 -0.22 -14.31 -4.70
N GLY A 123 0.18 -13.10 -5.02
CA GLY A 123 1.12 -12.35 -4.16
C GLY A 123 0.45 -11.88 -2.87
N ILE A 124 1.08 -12.16 -1.72
CA ILE A 124 0.58 -11.68 -0.43
C ILE A 124 1.61 -10.69 0.10
N ILE A 125 1.17 -9.44 0.27
CA ILE A 125 2.04 -8.34 0.80
C ILE A 125 1.52 -8.02 2.20
N THR A 126 2.29 -8.41 3.21
CA THR A 126 1.84 -8.17 4.60
C THR A 126 2.31 -6.75 5.05
N ASP A 127 1.61 -6.22 6.05
CA ASP A 127 1.88 -4.89 6.53
C ASP A 127 2.77 -5.01 7.78
N VAL A 128 3.99 -4.50 7.67
CA VAL A 128 4.93 -4.47 8.82
C VAL A 128 4.77 -3.08 9.46
N ALA A 129 4.01 -3.05 10.55
CA ALA A 129 3.58 -1.82 11.22
C ALA A 129 3.03 -2.11 12.58
N LEU A 130 3.16 -1.15 13.50
CA LEU A 130 2.69 -1.41 14.88
C LEU A 130 1.39 -0.70 15.21
N ASP A 131 0.98 0.25 14.37
CA ASP A 131 -0.27 1.03 14.67
C ASP A 131 -1.55 0.19 14.85
N PRO A 132 -1.70 -0.97 14.16
CA PRO A 132 -2.95 -1.73 14.44
C PRO A 132 -2.87 -2.53 15.74
N PHE A 133 -1.71 -2.51 16.40
CA PHE A 133 -1.47 -3.39 17.57
C PHE A 133 -1.23 -2.67 18.84
N THR A 134 -1.00 -1.37 18.76
CA THR A 134 -0.78 -0.58 20.02
C THR A 134 -2.10 -0.08 20.59
N THR A 135 -2.17 0.02 21.91
CA THR A 135 -3.40 0.51 22.55
C THR A 135 -3.72 1.96 22.08
N HIS A 136 -2.66 2.75 21.93
CA HIS A 136 -2.76 4.16 21.53
C HIS A 136 -2.90 4.42 20.05
N GLY A 137 -2.68 3.38 19.24
CA GLY A 137 -2.77 3.46 17.77
C GLY A 137 -1.67 4.21 17.05
N GLN A 138 -0.58 4.59 17.76
CA GLN A 138 0.53 5.27 17.13
C GLN A 138 1.44 4.24 16.45
N ASP A 139 2.25 4.74 15.54
CA ASP A 139 3.09 3.86 14.69
C ASP A 139 4.40 3.43 15.31
N GLY A 140 4.34 3.00 16.56
CA GLY A 140 5.48 2.46 17.23
C GLY A 140 5.31 2.44 18.72
N ILE A 141 6.39 2.08 19.41
CA ILE A 141 6.39 2.03 20.85
C ILE A 141 6.68 3.42 21.40
N LEU A 142 5.86 3.86 22.36
CA LEU A 142 6.01 5.21 22.94
C LEU A 142 6.86 5.26 24.15
N ASP A 143 7.66 6.34 24.28
CA ASP A 143 8.40 6.58 25.52
C ASP A 143 7.46 7.36 26.48
N ASP A 144 7.99 7.78 27.63
CA ASP A 144 7.24 8.54 28.65
C ASP A 144 6.60 9.85 28.19
N ASP A 145 7.21 10.49 27.19
CA ASP A 145 6.72 11.77 26.62
C ASP A 145 5.76 11.60 25.43
N GLY A 146 5.39 10.36 25.12
CA GLY A 146 4.53 10.05 23.96
C GLY A 146 5.28 10.06 22.62
N TYR A 147 6.61 10.00 22.67
CA TYR A 147 7.40 10.00 21.41
C TYR A 147 7.61 8.58 20.93
N VAL A 148 7.44 8.35 19.63
CA VAL A 148 7.62 7.05 19.02
C VAL A 148 9.13 6.73 18.91
N LEU A 149 9.57 5.79 19.76
CA LEU A 149 10.97 5.38 19.84
C LEU A 149 11.37 4.62 18.58
N ASN A 150 12.47 5.06 17.97
CA ASN A 150 12.86 4.48 16.67
C ASN A 150 13.36 3.03 16.75
N ASP A 151 14.42 2.82 17.54
CA ASP A 151 15.14 1.53 17.52
C ASP A 151 14.36 0.45 18.29
N VAL A 152 13.72 0.85 19.39
CA VAL A 152 12.84 -0.08 20.13
C VAL A 152 11.69 -0.57 19.22
N SER A 153 11.14 0.33 18.41
CA SER A 153 10.03 -0.04 17.49
C SER A 153 10.55 -1.00 16.41
N ILE A 154 11.76 -0.74 15.92
CA ILE A 154 12.37 -1.64 14.92
C ILE A 154 12.46 -3.10 15.49
N ASP A 155 12.79 -3.25 16.78
CA ASP A 155 12.90 -4.63 17.33
C ASP A 155 11.59 -5.38 17.15
N VAL A 156 10.46 -4.67 17.36
CA VAL A 156 9.15 -5.32 17.25
C VAL A 156 8.83 -5.58 15.75
N LEU A 157 9.12 -4.60 14.89
CA LEU A 157 8.88 -4.73 13.45
C LEU A 157 9.62 -5.93 12.85
N VAL A 158 10.86 -6.12 13.31
CA VAL A 158 11.70 -7.25 12.87
C VAL A 158 11.00 -8.59 13.25
N ARG A 159 10.54 -8.70 14.49
CA ARG A 159 9.83 -9.94 14.87
CA ARG A 159 9.84 -9.95 14.92
C ARG A 159 8.60 -10.14 14.05
N GLN A 160 7.89 -9.06 13.81
CA GLN A 160 6.65 -9.11 13.01
C GLN A 160 6.99 -9.59 11.58
N ALA A 161 7.99 -8.98 10.95
CA ALA A 161 8.39 -9.35 9.60
C ALA A 161 8.77 -10.84 9.54
N LEU A 162 9.52 -11.30 10.53
CA LEU A 162 9.90 -12.73 10.59
C LEU A 162 8.67 -13.63 10.67
N SER A 163 7.68 -13.22 11.49
CA SER A 163 6.46 -14.02 11.65
C SER A 163 5.67 -14.07 10.34
N HIS A 164 5.74 -12.98 9.55
CA HIS A 164 5.06 -12.97 8.25
C HIS A 164 5.78 -13.92 7.28
N ALA A 165 7.11 -13.89 7.30
CA ALA A 165 7.90 -14.79 6.43
C ALA A 165 7.59 -16.24 6.81
N GLU A 166 7.52 -16.51 8.11
CA GLU A 166 7.21 -17.89 8.60
C GLU A 166 5.83 -18.36 8.15
N ALA A 167 4.88 -17.41 8.02
CA ALA A 167 3.51 -17.70 7.58
C ALA A 167 3.42 -17.87 6.05
N GLY A 168 4.51 -17.55 5.35
CA GLY A 168 4.57 -17.79 3.90
C GLY A 168 4.49 -16.54 3.05
N ALA A 169 4.46 -15.34 3.67
CA ALA A 169 4.35 -14.10 2.86
C ALA A 169 5.52 -13.97 1.88
N GLN A 170 5.22 -13.67 0.61
CA GLN A 170 6.29 -13.47 -0.38
C GLN A 170 6.87 -12.07 -0.22
N VAL A 171 6.05 -11.13 0.30
CA VAL A 171 6.48 -9.73 0.43
C VAL A 171 6.07 -9.19 1.80
N VAL A 172 7.01 -8.53 2.48
CA VAL A 172 6.69 -7.83 3.68
C VAL A 172 6.84 -6.33 3.34
N ALA A 173 5.87 -5.52 3.80
CA ALA A 173 5.87 -4.09 3.46
C ALA A 173 5.90 -3.20 4.68
N PRO A 174 7.12 -2.79 5.11
CA PRO A 174 7.23 -1.98 6.35
C PRO A 174 6.70 -0.57 6.07
N SER A 175 5.59 -0.26 6.73
CA SER A 175 4.87 0.99 6.49
C SER A 175 4.98 2.03 7.62
N ASP A 176 5.75 1.75 8.67
N ASP A 176 5.93 1.77 8.52
CA ASP A 176 5.91 2.80 9.71
CA ASP A 176 6.15 2.52 9.78
C ASP A 176 7.28 3.41 9.43
C ASP A 176 6.99 3.81 9.72
N MET A 177 7.30 4.73 9.39
N MET A 177 7.84 3.95 8.70
CA MET A 177 8.50 5.46 9.05
CA MET A 177 8.70 5.12 8.60
C MET A 177 9.59 5.49 10.09
C MET A 177 9.72 5.36 9.76
N MET A 178 10.10 4.30 10.46
CA MET A 178 11.24 4.31 11.42
C MET A 178 12.52 4.32 10.58
N ASP A 179 13.54 5.08 11.02
CA ASP A 179 14.82 5.11 10.29
C ASP A 179 15.52 3.78 10.42
N GLY A 180 16.17 3.35 9.33
CA GLY A 180 16.96 2.12 9.34
C GLY A 180 16.20 0.80 9.45
N ARG A 181 14.88 0.83 9.41
CA ARG A 181 14.13 -0.43 9.59
C ARG A 181 14.33 -1.45 8.45
N ILE A 182 14.49 -0.96 7.23
CA ILE A 182 14.65 -1.86 6.08
C ILE A 182 15.91 -2.71 6.26
N GLY A 183 17.01 -2.08 6.66
CA GLY A 183 18.26 -2.83 6.86
C GLY A 183 18.13 -3.84 7.97
N ALA A 184 17.51 -3.42 9.09
CA ALA A 184 17.31 -4.34 10.22
C ALA A 184 16.46 -5.57 9.84
N ILE A 185 15.38 -5.32 9.12
CA ILE A 185 14.44 -6.39 8.68
C ILE A 185 15.17 -7.29 7.67
N ARG A 186 15.92 -6.68 6.76
CA ARG A 186 16.69 -7.47 5.76
C ARG A 186 17.72 -8.40 6.41
N GLU A 187 18.50 -7.86 7.34
CA GLU A 187 19.51 -8.63 8.08
CA GLU A 187 19.52 -8.64 8.06
C GLU A 187 18.87 -9.82 8.76
N ALA A 188 17.71 -9.58 9.41
CA ALA A 188 17.01 -10.64 10.13
C ALA A 188 16.48 -11.72 9.18
N LEU A 189 15.90 -11.31 8.05
CA LEU A 189 15.37 -12.27 7.05
C LEU A 189 16.51 -13.07 6.49
N GLU A 190 17.63 -12.40 6.17
CA GLU A 190 18.80 -13.12 5.58
C GLU A 190 19.38 -14.13 6.60
N SER A 191 19.51 -13.68 7.84
CA SER A 191 20.08 -14.53 8.91
C SER A 191 19.18 -15.76 9.22
N ALA A 192 17.87 -15.60 9.03
CA ALA A 192 16.90 -16.68 9.29
C ALA A 192 16.69 -17.58 8.05
N GLY A 193 17.34 -17.25 6.95
CA GLY A 193 17.26 -18.06 5.73
C GLY A 193 16.07 -17.72 4.81
N HIS A 194 15.35 -16.62 5.10
CA HIS A 194 14.23 -16.16 4.21
C HIS A 194 14.82 -15.31 3.11
N THR A 195 15.64 -15.98 2.29
CA THR A 195 16.43 -15.35 1.23
CA THR A 195 16.42 -15.35 1.23
C THR A 195 15.57 -14.62 0.16
N ASN A 196 14.38 -15.17 -0.14
CA ASN A 196 13.54 -14.59 -1.23
C ASN A 196 12.34 -13.75 -0.82
N VAL A 197 12.17 -13.49 0.50
CA VAL A 197 11.10 -12.63 0.94
C VAL A 197 11.43 -11.21 0.53
N ARG A 198 10.57 -10.66 -0.32
CA ARG A 198 10.76 -9.29 -0.77
C ARG A 198 10.40 -8.30 0.31
N ILE A 199 11.08 -7.14 0.27
CA ILE A 199 10.73 -6.01 1.15
C ILE A 199 10.24 -4.89 0.22
N MET A 200 8.97 -4.53 0.40
CA MET A 200 8.40 -3.36 -0.31
C MET A 200 8.37 -2.20 0.69
N ALA A 201 9.42 -1.37 0.64
CA ALA A 201 9.54 -0.29 1.61
C ALA A 201 8.57 0.85 1.29
N TYR A 202 7.85 1.33 2.33
CA TYR A 202 7.12 2.61 2.21
C TYR A 202 8.22 3.63 2.49
N SER A 203 8.85 4.10 1.42
CA SER A 203 10.06 4.94 1.55
C SER A 203 9.74 6.39 1.78
N ALA A 204 8.90 6.96 0.90
CA ALA A 204 8.50 8.37 1.06
C ALA A 204 7.00 8.41 1.40
N LYS A 205 6.73 8.26 2.70
CA LYS A 205 5.38 8.25 3.25
C LYS A 205 5.20 9.55 4.03
N TYR A 206 4.23 10.35 3.53
CA TYR A 206 3.98 11.68 4.04
C TYR A 206 3.00 11.77 5.19
N ALA A 207 3.16 12.83 5.99
CA ALA A 207 2.28 13.17 7.14
C ALA A 207 1.02 13.82 6.54
N SER A 208 0.13 12.96 6.07
CA SER A 208 -1.02 13.34 5.28
C SER A 208 -2.37 13.20 5.97
N ALA A 209 -3.30 14.06 5.56
CA ALA A 209 -4.69 14.02 5.98
C ALA A 209 -5.49 13.06 5.08
N TYR A 210 -4.89 12.60 3.99
CA TYR A 210 -5.62 11.69 3.06
C TYR A 210 -5.83 10.28 3.60
N TYR A 211 -5.23 9.95 4.75
CA TYR A 211 -5.42 8.62 5.37
C TYR A 211 -6.70 8.52 6.23
N GLY A 212 -7.49 9.62 6.29
CA GLY A 212 -8.72 9.73 7.13
C GLY A 212 -9.57 8.46 7.21
N PRO A 213 -10.09 7.98 6.04
CA PRO A 213 -10.97 6.79 6.07
C PRO A 213 -10.31 5.50 6.56
N PHE A 214 -8.98 5.35 6.46
CA PHE A 214 -8.25 4.16 6.97
C PHE A 214 -8.46 3.97 8.47
N ARG A 215 -8.55 5.07 9.23
CA ARG A 215 -8.92 5.01 10.68
C ARG A 215 -10.23 4.27 10.91
N ASP A 216 -11.26 4.65 10.13
CA ASP A 216 -12.57 3.99 10.19
CA ASP A 216 -12.59 4.01 10.14
C ASP A 216 -12.45 2.52 9.81
N ALA A 217 -11.68 2.21 8.77
CA ALA A 217 -11.48 0.83 8.34
C ALA A 217 -10.82 -0.08 9.39
N VAL A 218 -9.67 0.38 9.94
CA VAL A 218 -8.82 -0.45 10.83
C VAL A 218 -8.92 -0.18 12.35
N GLY A 219 -9.16 1.09 12.74
CA GLY A 219 -9.23 1.45 14.15
C GLY A 219 -7.87 1.83 14.76
N SER A 220 -6.96 2.33 13.91
CA SER A 220 -5.63 2.81 14.33
C SER A 220 -5.74 4.31 14.76
N ALA A 221 -4.61 5.01 14.81
CA ALA A 221 -4.55 6.43 15.25
C ALA A 221 -5.60 7.28 14.57
N SER A 222 -6.27 8.08 15.40
CA SER A 222 -7.29 9.00 14.94
CA SER A 222 -7.30 9.03 14.96
C SER A 222 -6.68 10.37 14.55
N ASN A 223 -5.45 10.62 15.02
CA ASN A 223 -4.68 11.81 14.66
C ASN A 223 -3.95 11.49 13.37
N LEU A 224 -4.07 12.40 12.42
CA LEU A 224 -3.42 12.25 11.10
C LEU A 224 -2.82 13.58 10.63
N GLY A 225 -1.57 13.51 10.16
CA GLY A 225 -0.85 14.67 9.58
C GLY A 225 -0.50 15.82 10.50
N LYS A 226 -0.49 15.55 11.80
CA LYS A 226 -0.18 16.56 12.79
C LYS A 226 1.13 16.27 13.56
N GLY A 227 1.29 16.92 14.71
CA GLY A 227 2.56 16.90 15.49
C GLY A 227 3.20 15.57 15.85
N ASN A 228 2.42 14.53 16.10
CA ASN A 228 3.03 13.23 16.46
C ASN A 228 3.53 12.54 15.19
N LYS A 229 2.60 12.40 14.22
CA LYS A 229 2.93 11.79 12.93
CA LYS A 229 2.93 11.80 12.93
C LYS A 229 4.09 12.55 12.28
N ALA A 230 4.11 13.89 12.46
CA ALA A 230 5.14 14.75 11.85
C ALA A 230 6.58 14.46 12.34
N THR A 231 6.72 13.68 13.42
CA THR A 231 8.09 13.33 13.89
C THR A 231 8.68 12.08 13.17
N TYR A 232 7.88 11.46 12.30
CA TYR A 232 8.41 10.33 11.49
C TYR A 232 7.92 10.35 10.04
N GLN A 233 6.63 10.66 9.84
CA GLN A 233 6.14 10.83 8.44
C GLN A 233 6.65 12.14 7.84
N MET A 234 6.79 12.14 6.50
CA MET A 234 7.40 13.31 5.85
C MET A 234 6.51 14.54 5.74
N ASP A 235 7.16 15.70 5.84
CA ASP A 235 6.47 16.98 5.63
C ASP A 235 6.03 17.05 4.14
N PRO A 236 4.70 17.24 3.90
CA PRO A 236 4.16 17.40 2.53
C PRO A 236 4.92 18.42 1.66
N ALA A 237 5.60 19.40 2.28
CA ALA A 237 6.32 20.42 1.51
C ALA A 237 7.63 19.94 0.87
N ASN A 238 8.13 18.78 1.30
CA ASN A 238 9.48 18.38 0.93
C ASN A 238 9.55 17.32 -0.18
N SER A 239 10.38 17.63 -1.17
CA SER A 239 10.55 16.77 -2.35
C SER A 239 11.95 16.13 -2.37
N ASP A 240 13.00 16.96 -2.25
CA ASP A 240 14.38 16.48 -2.21
C ASP A 240 14.59 15.43 -1.13
N GLU A 241 14.00 15.65 0.05
CA GLU A 241 14.09 14.70 1.17
C GLU A 241 13.64 13.27 0.80
N ALA A 242 12.68 13.15 -0.12
CA ALA A 242 12.19 11.82 -0.54
C ALA A 242 13.26 11.00 -1.24
N LEU A 243 14.15 11.73 -1.94
CA LEU A 243 15.28 11.05 -2.66
C LEU A 243 16.23 10.44 -1.64
N HIS A 244 16.43 11.13 -0.50
CA HIS A 244 17.31 10.62 0.56
C HIS A 244 16.69 9.41 1.26
N GLU A 245 15.37 9.46 1.45
CA GLU A 245 14.65 8.33 2.00
C GLU A 245 14.76 7.08 1.13
N VAL A 246 14.53 7.25 -0.17
CA VAL A 246 14.60 6.13 -1.10
C VAL A 246 16.03 5.57 -1.21
N ALA A 247 17.03 6.45 -1.29
CA ALA A 247 18.42 6.02 -1.42
C ALA A 247 18.79 5.12 -0.25
N ALA A 248 18.39 5.52 0.96
CA ALA A 248 18.70 4.72 2.17
C ALA A 248 18.02 3.36 2.09
N ASP A 249 16.76 3.32 1.68
CA ASP A 249 16.02 2.04 1.63
C ASP A 249 16.58 1.08 0.61
N LEU A 250 16.99 1.60 -0.55
CA LEU A 250 17.66 0.73 -1.56
C LEU A 250 19.00 0.20 -1.02
N ALA A 251 19.81 1.06 -0.38
CA ALA A 251 21.10 0.64 0.17
C ALA A 251 20.89 -0.46 1.24
N GLU A 252 19.78 -0.34 1.97
CA GLU A 252 19.44 -1.28 3.08
C GLU A 252 18.83 -2.57 2.59
N GLY A 253 18.53 -2.67 1.28
CA GLY A 253 18.09 -3.94 0.72
C GLY A 253 16.69 -4.05 0.21
N ALA A 254 15.95 -2.92 0.15
CA ALA A 254 14.55 -2.98 -0.36
C ALA A 254 14.55 -3.49 -1.81
N ASP A 255 13.57 -4.36 -2.12
CA ASP A 255 13.36 -4.86 -3.50
C ASP A 255 12.47 -3.95 -4.30
N MET A 256 11.60 -3.23 -3.57
CA MET A 256 10.68 -2.27 -4.19
CA MET A 256 10.68 -2.28 -4.18
C MET A 256 10.58 -1.08 -3.23
N VAL A 257 10.32 0.12 -3.80
CA VAL A 257 10.17 1.33 -2.98
C VAL A 257 8.84 2.01 -3.31
N MET A 258 8.23 2.60 -2.27
CA MET A 258 6.90 3.15 -2.45
C MET A 258 6.76 4.58 -1.97
N VAL A 259 5.94 5.33 -2.72
CA VAL A 259 5.52 6.70 -2.36
C VAL A 259 4.09 6.62 -1.86
N LYS A 260 3.77 7.36 -0.75
CA LYS A 260 2.39 7.34 -0.18
C LYS A 260 2.14 8.68 0.51
N PRO A 261 0.94 9.28 0.31
CA PRO A 261 -0.16 8.97 -0.60
C PRO A 261 0.25 9.04 -2.08
N GLY A 262 -0.75 9.00 -2.96
CA GLY A 262 -0.47 8.81 -4.39
C GLY A 262 -0.64 10.02 -5.26
N MET A 263 -1.88 10.30 -5.65
CA MET A 263 -2.13 11.40 -6.57
CA MET A 263 -2.18 11.43 -6.55
C MET A 263 -1.59 12.74 -6.06
N PRO A 264 -1.75 13.06 -4.74
CA PRO A 264 -1.21 14.33 -4.30
C PRO A 264 0.33 14.37 -4.30
N TYR A 265 0.97 13.26 -4.70
CA TYR A 265 2.47 13.11 -4.66
C TYR A 265 3.03 12.54 -5.97
N LEU A 266 2.32 12.78 -7.10
CA LEU A 266 2.80 12.25 -8.40
C LEU A 266 4.16 12.78 -8.82
N ASP A 267 4.48 14.02 -8.44
CA ASP A 267 5.81 14.59 -8.74
C ASP A 267 6.90 13.79 -8.02
N ILE A 268 6.59 13.32 -6.81
CA ILE A 268 7.54 12.45 -6.05
C ILE A 268 7.73 11.11 -6.77
N VAL A 269 6.64 10.48 -7.21
CA VAL A 269 6.75 9.23 -7.99
C VAL A 269 7.72 9.46 -9.17
N ARG A 270 7.51 10.54 -9.90
CA ARG A 270 8.35 10.87 -11.08
CA ARG A 270 8.34 10.85 -11.07
C ARG A 270 9.83 11.02 -10.71
N ARG A 271 10.11 11.82 -9.67
CA ARG A 271 11.51 12.05 -9.25
C ARG A 271 12.20 10.76 -8.76
N VAL A 272 11.45 9.94 -8.02
CA VAL A 272 11.97 8.67 -7.49
C VAL A 272 12.29 7.69 -8.61
N LYS A 273 11.36 7.56 -9.57
CA LYS A 273 11.61 6.65 -10.70
C LYS A 273 12.83 7.12 -11.51
N ASP A 274 12.86 8.41 -11.83
CA ASP A 274 13.97 9.00 -12.63
C ASP A 274 15.30 8.92 -11.91
N GLU A 275 15.29 9.16 -10.59
CA GLU A 275 16.55 9.19 -9.84
C GLU A 275 17.19 7.82 -9.57
N PHE A 276 16.38 6.79 -9.42
CA PHE A 276 16.92 5.50 -9.00
C PHE A 276 16.68 4.35 -9.96
N ARG A 277 15.71 4.52 -10.88
CA ARG A 277 15.42 3.47 -11.89
CA ARG A 277 15.35 3.49 -11.88
C ARG A 277 15.23 2.10 -11.24
N ALA A 278 14.49 2.08 -10.13
CA ALA A 278 14.24 0.86 -9.35
C ALA A 278 12.71 0.61 -9.37
N PRO A 279 12.26 -0.58 -8.95
CA PRO A 279 10.81 -0.87 -8.98
C PRO A 279 10.11 0.07 -7.99
N THR A 280 9.24 0.90 -8.56
CA THR A 280 8.59 2.01 -7.83
C THR A 280 7.08 1.81 -7.76
N PHE A 281 6.57 1.91 -6.52
CA PHE A 281 5.15 1.66 -6.26
C PHE A 281 4.53 2.91 -5.64
N VAL A 282 3.21 2.98 -5.73
CA VAL A 282 2.50 4.14 -5.18
C VAL A 282 1.16 3.70 -4.61
N TYR A 283 0.77 4.34 -3.50
CA TYR A 283 -0.48 3.94 -2.81
C TYR A 283 -1.55 5.02 -3.05
N GLN A 284 -2.63 4.63 -3.76
CA GLN A 284 -3.79 5.52 -3.90
C GLN A 284 -4.60 5.24 -2.61
N VAL A 285 -4.44 6.13 -1.65
CA VAL A 285 -4.93 5.85 -0.28
C VAL A 285 -6.45 5.99 -0.10
N SER A 286 -6.92 5.54 1.05
CA SER A 286 -8.34 5.55 1.45
C SER A 286 -9.08 6.86 1.12
N GLY A 287 -8.43 8.02 1.43
CA GLY A 287 -9.03 9.32 1.19
C GLY A 287 -9.14 9.62 -0.29
N GLU A 288 -8.15 9.17 -1.07
CA GLU A 288 -8.24 9.35 -2.54
C GLU A 288 -9.41 8.50 -3.08
N TYR A 289 -9.52 7.27 -2.59
CA TYR A 289 -10.64 6.40 -2.97
C TYR A 289 -11.99 7.06 -2.62
N ALA A 290 -12.11 7.49 -1.36
CA ALA A 290 -13.37 8.07 -0.85
C ALA A 290 -13.79 9.32 -1.61
N MET A 291 -12.84 10.20 -1.90
CA MET A 291 -13.22 11.46 -2.58
C MET A 291 -13.68 11.19 -4.02
N HIS A 292 -13.02 10.21 -4.67
CA HIS A 292 -13.47 9.81 -6.01
C HIS A 292 -14.84 9.17 -5.95
N MET A 293 -15.02 8.21 -5.05
CA MET A 293 -16.31 7.51 -4.90
CA MET A 293 -16.28 7.49 -4.92
C MET A 293 -17.45 8.42 -4.56
N GLY A 294 -17.20 9.36 -3.64
CA GLY A 294 -18.23 10.36 -3.25
C GLY A 294 -18.72 11.17 -4.44
N ALA A 295 -17.77 11.67 -5.24
CA ALA A 295 -18.09 12.47 -6.43
C ALA A 295 -18.83 11.63 -7.49
N ILE A 296 -18.40 10.37 -7.67
CA ILE A 296 -19.08 9.47 -8.62
C ILE A 296 -20.54 9.19 -8.20
N GLN A 297 -20.71 8.83 -6.94
CA GLN A 297 -22.05 8.54 -6.36
C GLN A 297 -22.98 9.75 -6.45
N ASN A 298 -22.43 10.95 -6.31
CA ASN A 298 -23.20 12.21 -6.39
C ASN A 298 -23.54 12.64 -7.81
N GLY A 299 -22.91 11.99 -8.79
CA GLY A 299 -23.09 12.30 -10.22
C GLY A 299 -22.28 13.53 -10.63
N TRP A 300 -21.31 13.88 -9.80
CA TRP A 300 -20.45 15.05 -10.07
C TRP A 300 -19.30 14.71 -11.02
N LEU A 301 -18.84 13.46 -10.98
CA LEU A 301 -17.76 12.96 -11.86
C LEU A 301 -18.19 11.66 -12.50
N ALA A 302 -17.83 11.51 -13.77
CA ALA A 302 -18.08 10.24 -14.51
C ALA A 302 -17.15 9.18 -13.94
N GLU A 303 -17.60 7.92 -14.01
CA GLU A 303 -16.84 6.79 -13.51
C GLU A 303 -15.49 6.63 -14.21
N SER A 304 -15.34 7.23 -15.39
CA SER A 304 -14.07 7.23 -16.12
C SER A 304 -12.88 7.86 -15.38
N VAL A 305 -13.13 8.67 -14.34
CA VAL A 305 -12.04 9.25 -13.53
C VAL A 305 -11.22 8.13 -12.84
N ILE A 306 -11.86 6.96 -12.62
CA ILE A 306 -11.14 5.84 -11.98
C ILE A 306 -9.93 5.45 -12.86
N LEU A 307 -10.19 5.13 -14.13
CA LEU A 307 -9.03 4.77 -15.02
C LEU A 307 -8.10 5.95 -15.26
N GLU A 308 -8.64 7.17 -15.31
CA GLU A 308 -7.76 8.33 -15.50
C GLU A 308 -6.78 8.48 -14.31
N SER A 309 -7.30 8.30 -13.10
CA SER A 309 -6.49 8.42 -11.87
C SER A 309 -5.35 7.37 -11.89
N LEU A 310 -5.67 6.15 -12.33
CA LEU A 310 -4.69 5.05 -12.34
C LEU A 310 -3.68 5.23 -13.47
N THR A 311 -4.16 5.74 -14.62
CA THR A 311 -3.27 6.03 -15.76
C THR A 311 -2.24 7.07 -15.34
N ALA A 312 -2.66 8.02 -14.49
CA ALA A 312 -1.73 9.07 -14.00
C ALA A 312 -0.56 8.44 -13.27
N PHE A 313 -0.80 7.41 -12.45
CA PHE A 313 0.31 6.78 -11.71
C PHE A 313 1.30 6.11 -12.64
N LYS A 314 0.78 5.46 -13.69
CA LYS A 314 1.64 4.85 -14.70
CA LYS A 314 1.61 4.83 -14.71
C LYS A 314 2.48 5.88 -15.44
N ARG A 315 1.84 6.95 -15.90
CA ARG A 315 2.53 8.04 -16.61
C ARG A 315 3.65 8.67 -15.74
N ALA A 316 3.39 8.80 -14.43
CA ALA A 316 4.34 9.41 -13.47
C ALA A 316 5.55 8.50 -13.21
N GLY A 317 5.42 7.22 -13.55
CA GLY A 317 6.57 6.28 -13.45
C GLY A 317 6.34 5.08 -12.55
N ALA A 318 5.13 4.93 -11.99
CA ALA A 318 4.86 3.77 -11.10
C ALA A 318 4.81 2.46 -11.85
N ASP A 319 5.45 1.46 -11.27
CA ASP A 319 5.40 0.10 -11.78
C ASP A 319 4.16 -0.61 -11.31
N GLY A 320 3.75 -0.32 -10.07
CA GLY A 320 2.54 -0.92 -9.50
C GLY A 320 1.85 0.08 -8.61
N ILE A 321 0.57 -0.17 -8.40
CA ILE A 321 -0.32 0.77 -7.69
C ILE A 321 -1.16 -0.01 -6.66
N LEU A 322 -1.08 0.38 -5.38
CA LEU A 322 -1.96 -0.15 -4.36
C LEU A 322 -3.21 0.71 -4.42
N THR A 323 -4.35 0.05 -4.74
CA THR A 323 -5.59 0.83 -5.00
C THR A 323 -6.82 0.03 -4.65
N TYR A 324 -7.74 0.68 -3.92
CA TYR A 324 -9.00 0.04 -3.56
C TYR A 324 -9.92 -0.14 -4.76
N PHE A 325 -9.55 0.51 -5.88
CA PHE A 325 -10.26 0.40 -7.15
C PHE A 325 -9.79 -0.78 -7.99
N ALA A 326 -8.87 -1.61 -7.45
CA ALA A 326 -8.23 -2.67 -8.27
C ALA A 326 -9.25 -3.58 -8.96
N LYS A 327 -10.33 -3.98 -8.26
CA LYS A 327 -11.32 -4.88 -8.87
CA LYS A 327 -11.31 -4.88 -8.86
C LYS A 327 -12.07 -4.17 -10.02
N GLN A 328 -12.58 -2.97 -9.75
CA GLN A 328 -13.31 -2.17 -10.76
CA GLN A 328 -13.31 -2.16 -10.75
C GLN A 328 -12.42 -1.86 -11.96
N ALA A 329 -11.14 -1.53 -11.68
CA ALA A 329 -10.22 -1.23 -12.75
C ALA A 329 -9.96 -2.45 -13.63
N ALA A 330 -9.78 -3.60 -12.99
CA ALA A 330 -9.44 -4.88 -13.67
C ALA A 330 -10.55 -5.32 -14.63
N GLU A 331 -11.76 -4.84 -14.38
CA GLU A 331 -12.92 -5.08 -15.25
C GLU A 331 -12.97 -4.10 -16.43
N GLN A 332 -12.75 -2.81 -16.15
CA GLN A 332 -12.78 -1.76 -17.17
C GLN A 332 -11.61 -1.82 -18.18
N LEU A 333 -10.52 -2.50 -17.80
CA LEU A 333 -9.33 -2.75 -18.62
CA LEU A 333 -9.38 -2.68 -18.72
C LEU A 333 -9.50 -3.99 -19.49
#